data_6Y36
#
_entry.id   6Y36
#
_cell.length_a   51.480
_cell.length_b   83.740
_cell.length_c   148.420
_cell.angle_alpha   90.000
_cell.angle_beta   90.000
_cell.angle_gamma   90.000
#
_symmetry.space_group_name_H-M   'P 21 21 21'
#
loop_
_entity.id
_entity.type
_entity.pdbx_description
1 polymer 'CCAAT-binding transcription factor subunit HAPB'
2 polymer 'CCAAT-binding factor complex subunit HapC'
3 polymer 'CCAAT-binding factor complex subunit HapE'
4 polymer 'DNA (25-MER)'
5 polymer 'DNA (25-MER)'
6 non-polymer 'SULFITE ION'
7 water water
#
loop_
_entity_poly.entity_id
_entity_poly.type
_entity_poly.pdbx_seq_one_letter_code
_entity_poly.pdbx_strand_id
1 'polypeptide(L)' MESPLYVNAKQFHRILKRRVARQKLEEQLRLTSKGRKPYLHESRHNHAMRRPRGPGGRFLTADE A
2 'polypeptide(L)'
;MKEQDRWLPIANVARIMKLALPENAKIAKEAKECMQECVSEFISFITSEASEKCQQEKRKTVNGEDILFAMTSLGFENYA
EALKIYLSKYRE
;
B
3 'polypeptide(L)'
;MGTWANVNQGLQGTARDILTTYWQHIINHLESDNHDYKIHQLPLARIKKVMKADPEVKMISAEAPILFAKGCDIFITELT
MRAWIHAEDNKRRTLQRSDIAAALSKSDMFDFLIDIVPR
;
C
4 'polydeoxyribonucleotide'
;(DT)(DT)(DC)(DA)(DC)(DG)(DG)(DA)(DG)(DG)(DC)(DG)(DT)(DT)(DG)(DA)(DT)(DT)(DG)(DG)
(DT)(DG)(DG)(DA)(DT)
;
D
5 'polydeoxyribonucleotide'
;(DA)(DA)(DA)(DT)(DC)(DC)(DA)(DC)(DC)(DA)(DA)(DT)(DC)(DA)(DA)(DC)(DG)(DC)(DC)(DT)
(DC)(DC)(DG)(DT)(DG)
;
E
#
loop_
_chem_comp.id
_chem_comp.type
_chem_comp.name
_chem_comp.formula
DA DNA linking 2'-DEOXYADENOSINE-5'-MONOPHOSPHATE 'C10 H14 N5 O6 P'
DC DNA linking 2'-DEOXYCYTIDINE-5'-MONOPHOSPHATE 'C9 H14 N3 O7 P'
DG DNA linking 2'-DEOXYGUANOSINE-5'-MONOPHOSPHATE 'C10 H14 N5 O7 P'
DT DNA linking THYMIDINE-5'-MONOPHOSPHATE 'C10 H15 N2 O8 P'
SO3 non-polymer 'SULFITE ION' 'O3 S -2'
#
# COMPACT_ATOMS: atom_id res chain seq x y z
N TYR A 6 8.59 0.31 22.83
CA TYR A 6 9.77 0.75 22.02
C TYR A 6 9.74 0.07 20.65
N VAL A 7 10.55 0.60 19.72
CA VAL A 7 10.53 0.31 18.26
C VAL A 7 10.66 -1.20 18.00
N ASN A 8 10.00 -1.66 16.93
CA ASN A 8 10.13 -3.02 16.34
C ASN A 8 11.61 -3.27 16.00
N ALA A 9 12.26 -4.18 16.72
CA ALA A 9 13.71 -4.52 16.58
C ALA A 9 14.01 -4.95 15.14
N LYS A 10 13.07 -5.63 14.48
CA LYS A 10 13.24 -6.12 13.09
C LYS A 10 13.20 -4.94 12.12
N GLN A 11 12.56 -3.82 12.47
CA GLN A 11 12.35 -2.70 11.52
C GLN A 11 13.33 -1.53 11.79
N PHE A 12 14.04 -1.54 12.92
CA PHE A 12 14.81 -0.38 13.43
C PHE A 12 15.80 0.15 12.37
N HIS A 13 16.74 -0.68 11.96
CA HIS A 13 17.82 -0.38 10.97
C HIS A 13 17.21 0.10 9.65
N ARG A 14 16.19 -0.59 9.13
CA ARG A 14 15.59 -0.24 7.82
C ARG A 14 14.82 1.08 7.91
N ILE A 15 14.21 1.38 9.05
CA ILE A 15 13.47 2.66 9.27
C ILE A 15 14.45 3.82 9.07
N LEU A 16 15.64 3.73 9.67
CA LEU A 16 16.64 4.83 9.69
C LEU A 16 17.28 4.98 8.30
N LYS A 17 17.50 3.87 7.60
CA LYS A 17 18.00 3.91 6.19
C LYS A 17 16.97 4.62 5.31
N ARG A 18 15.68 4.32 5.51
CA ARG A 18 14.58 4.94 4.72
C ARG A 18 14.46 6.43 5.07
N ARG A 19 14.64 6.79 6.34
CA ARG A 19 14.58 8.21 6.78
C ARG A 19 15.68 9.00 6.04
N VAL A 20 16.92 8.50 6.04
CA VAL A 20 18.07 9.14 5.35
C VAL A 20 17.76 9.21 3.85
N ALA A 21 17.27 8.12 3.24
CA ALA A 21 16.97 8.03 1.79
C ALA A 21 15.88 9.04 1.41
N ARG A 22 14.83 9.15 2.23
CA ARG A 22 13.70 10.09 2.00
C ARG A 22 14.21 11.54 2.14
N GLN A 23 15.03 11.83 3.15
CA GLN A 23 15.61 13.17 3.42
C GLN A 23 16.45 13.59 2.19
N LYS A 24 17.19 12.64 1.61
CA LYS A 24 18.00 12.82 0.37
C LYS A 24 17.06 13.03 -0.84
N LEU A 25 15.96 12.26 -0.91
CA LEU A 25 15.03 12.32 -2.08
C LEU A 25 14.33 13.68 -2.12
N GLU A 26 13.93 14.22 -0.96
CA GLU A 26 13.24 15.54 -0.88
C GLU A 26 14.23 16.64 -1.28
N GLU A 27 15.51 16.49 -0.92
CA GLU A 27 16.60 17.44 -1.24
C GLU A 27 16.71 17.61 -2.76
N GLN A 28 16.66 16.51 -3.52
CA GLN A 28 16.89 16.50 -4.99
C GLN A 28 15.57 16.74 -5.74
N LEU A 29 14.45 16.94 -5.01
CA LEU A 29 13.12 17.31 -5.59
C LEU A 29 12.61 18.58 -4.90
N ARG A 36 1.08 18.44 -1.11
CA ARG A 36 0.09 18.08 -2.16
C ARG A 36 -0.42 19.34 -2.85
N LYS A 37 -0.37 19.35 -4.19
CA LYS A 37 -0.99 20.40 -5.04
C LYS A 37 -2.50 20.16 -5.06
N PRO A 38 -3.33 21.20 -5.33
CA PRO A 38 -4.77 21.04 -5.44
C PRO A 38 -5.14 19.99 -6.50
N TYR A 39 -4.37 19.92 -7.59
CA TYR A 39 -4.50 18.91 -8.68
C TYR A 39 -3.13 18.62 -9.30
N LEU A 40 -3.04 17.53 -10.06
CA LEU A 40 -1.78 17.03 -10.68
C LEU A 40 -1.57 17.65 -12.06
N HIS A 41 -2.58 17.58 -12.94
CA HIS A 41 -2.47 17.95 -14.38
C HIS A 41 -3.36 19.15 -14.70
N GLU A 42 -2.80 20.14 -15.40
CA GLU A 42 -3.50 21.38 -15.85
C GLU A 42 -4.60 20.99 -16.84
N SER A 43 -4.30 20.10 -17.78
CA SER A 43 -5.20 19.70 -18.90
C SER A 43 -6.47 19.04 -18.34
N ARG A 44 -6.32 18.06 -17.45
CA ARG A 44 -7.46 17.30 -16.83
C ARG A 44 -8.25 18.24 -15.92
N HIS A 45 -7.56 19.16 -15.24
CA HIS A 45 -8.18 20.25 -14.44
C HIS A 45 -9.12 21.07 -15.34
N ASN A 46 -8.67 21.40 -16.55
CA ASN A 46 -9.42 22.25 -17.53
C ASN A 46 -10.59 21.46 -18.12
N HIS A 47 -10.37 20.19 -18.46
CA HIS A 47 -11.42 19.26 -18.95
C HIS A 47 -12.61 19.31 -17.98
N ALA A 48 -12.37 19.08 -16.69
CA ALA A 48 -13.39 18.98 -15.62
C ALA A 48 -14.09 20.34 -15.39
N MET A 49 -13.36 21.44 -15.54
CA MET A 49 -13.91 22.82 -15.36
C MET A 49 -14.79 23.19 -16.58
N ARG A 50 -14.66 22.46 -17.69
CA ARG A 50 -15.26 22.80 -19.01
C ARG A 50 -16.58 22.02 -19.24
N ARG A 51 -16.65 20.77 -18.80
CA ARG A 51 -17.70 19.79 -19.22
C ARG A 51 -19.08 20.26 -18.79
N PRO A 52 -20.16 19.80 -19.48
CA PRO A 52 -21.52 20.08 -19.04
C PRO A 52 -21.86 19.35 -17.75
N ARG A 53 -22.29 20.10 -16.72
CA ARG A 53 -22.70 19.56 -15.39
C ARG A 53 -24.23 19.50 -15.33
N GLY A 54 -24.75 18.51 -14.60
CA GLY A 54 -26.17 18.43 -14.22
C GLY A 54 -26.51 19.47 -13.17
N PRO A 55 -27.77 19.52 -12.69
CA PRO A 55 -28.19 20.50 -11.69
C PRO A 55 -27.60 20.19 -10.31
N GLY A 56 -27.40 18.89 -10.01
CA GLY A 56 -26.80 18.39 -8.75
C GLY A 56 -25.28 18.51 -8.75
N GLY A 57 -24.68 18.98 -9.86
CA GLY A 57 -23.23 19.23 -9.99
C GLY A 57 -22.50 18.07 -10.62
N ARG A 58 -23.22 17.01 -11.02
CA ARG A 58 -22.64 15.78 -11.62
C ARG A 58 -22.36 16.02 -13.10
N PHE A 59 -21.34 15.38 -13.64
CA PHE A 59 -21.06 15.33 -15.11
C PHE A 59 -22.13 14.45 -15.78
N LEU A 60 -22.23 14.52 -17.10
CA LEU A 60 -23.13 13.62 -17.88
C LEU A 60 -22.58 13.42 -19.29
N THR A 61 -23.15 12.46 -20.03
CA THR A 61 -22.80 12.12 -21.43
C THR A 61 -22.98 13.37 -22.29
N ALA A 62 -22.03 13.65 -23.18
CA ALA A 62 -22.05 14.79 -24.11
C ALA A 62 -23.04 14.51 -25.26
N MET B 1 12.97 10.87 -13.35
CA MET B 1 12.21 10.56 -12.10
C MET B 1 11.16 11.65 -11.87
N LYS B 2 9.90 11.38 -12.20
CA LYS B 2 8.75 12.25 -11.84
C LYS B 2 8.51 12.09 -10.32
N GLU B 3 8.27 13.20 -9.63
CA GLU B 3 8.10 13.24 -8.15
C GLU B 3 6.87 12.44 -7.72
N GLN B 4 5.85 12.33 -8.61
CA GLN B 4 4.54 11.68 -8.31
C GLN B 4 4.63 10.15 -8.41
N ASP B 5 5.78 9.62 -8.83
CA ASP B 5 6.02 8.16 -9.01
C ASP B 5 6.34 7.49 -7.67
N ARG B 6 6.53 8.26 -6.59
CA ARG B 6 6.75 7.72 -5.22
C ARG B 6 5.45 7.15 -4.66
N TRP B 7 4.30 7.47 -5.27
CA TRP B 7 2.95 7.11 -4.75
C TRP B 7 2.13 6.34 -5.79
N LEU B 8 1.36 5.35 -5.33
CA LEU B 8 0.34 4.63 -6.15
C LEU B 8 -0.83 5.58 -6.41
N PRO B 9 -1.65 5.34 -7.45
CA PRO B 9 -2.78 6.22 -7.77
C PRO B 9 -3.84 6.17 -6.67
N ILE B 10 -4.35 7.33 -6.25
CA ILE B 10 -5.21 7.47 -5.04
C ILE B 10 -6.56 6.78 -5.26
N ALA B 11 -7.10 6.81 -6.49
CA ALA B 11 -8.42 6.23 -6.82
C ALA B 11 -8.38 4.71 -6.62
N ASN B 12 -7.27 4.07 -7.03
CA ASN B 12 -7.07 2.60 -6.90
C ASN B 12 -6.98 2.25 -5.42
N VAL B 13 -6.22 3.04 -4.65
CA VAL B 13 -6.11 2.87 -3.17
C VAL B 13 -7.50 3.03 -2.56
N ALA B 14 -8.20 4.11 -2.90
CA ALA B 14 -9.54 4.46 -2.36
C ALA B 14 -10.53 3.32 -2.63
N ARG B 15 -10.49 2.72 -3.82
CA ARG B 15 -11.40 1.61 -4.20
C ARG B 15 -11.16 0.40 -3.29
N ILE B 16 -9.90 0.05 -3.01
CA ILE B 16 -9.56 -1.13 -2.16
C ILE B 16 -10.04 -0.88 -0.73
N MET B 17 -9.90 0.36 -0.23
CA MET B 17 -10.41 0.77 1.11
C MET B 17 -11.93 0.56 1.11
N LYS B 18 -12.61 0.98 0.04
CA LYS B 18 -14.08 0.91 -0.11
C LYS B 18 -14.53 -0.55 0.03
N LEU B 19 -13.87 -1.47 -0.67
CA LEU B 19 -14.22 -2.91 -0.69
C LEU B 19 -13.97 -3.54 0.68
N ALA B 20 -13.11 -2.93 1.51
CA ALA B 20 -12.73 -3.44 2.85
C ALA B 20 -13.70 -2.94 3.93
N LEU B 21 -14.66 -2.09 3.57
CA LEU B 21 -15.57 -1.41 4.53
C LEU B 21 -17.03 -1.77 4.23
N PRO B 22 -17.94 -1.55 5.20
CA PRO B 22 -19.38 -1.75 4.99
C PRO B 22 -19.91 -0.83 3.88
N GLU B 23 -21.05 -1.19 3.28
CA GLU B 23 -21.61 -0.50 2.08
C GLU B 23 -21.94 0.96 2.42
N ASN B 24 -22.45 1.22 3.63
CA ASN B 24 -22.87 2.58 4.08
C ASN B 24 -21.65 3.47 4.36
N ALA B 25 -20.48 2.87 4.63
CA ALA B 25 -19.25 3.57 5.10
C ALA B 25 -18.82 4.64 4.11
N LYS B 26 -18.29 5.75 4.63
CA LYS B 26 -17.67 6.85 3.85
C LYS B 26 -16.21 6.97 4.28
N ILE B 27 -15.38 7.60 3.46
CA ILE B 27 -13.92 7.75 3.71
C ILE B 27 -13.54 9.21 3.46
N ALA B 28 -12.91 9.84 4.45
CA ALA B 28 -12.40 11.24 4.35
C ALA B 28 -11.26 11.26 3.33
N LYS B 29 -11.15 12.37 2.59
CA LYS B 29 -10.08 12.59 1.59
C LYS B 29 -8.72 12.42 2.27
N GLU B 30 -8.58 12.89 3.52
CA GLU B 30 -7.32 12.81 4.32
C GLU B 30 -6.97 11.35 4.63
N ALA B 31 -7.97 10.49 4.83
CA ALA B 31 -7.78 9.05 5.09
C ALA B 31 -7.26 8.37 3.81
N LYS B 32 -7.77 8.77 2.64
CA LYS B 32 -7.33 8.23 1.33
C LYS B 32 -5.88 8.62 1.06
N GLU B 33 -5.55 9.89 1.31
CA GLU B 33 -4.18 10.44 1.10
C GLU B 33 -3.22 9.73 2.06
N CYS B 34 -3.60 9.62 3.33
CA CYS B 34 -2.81 8.94 4.39
C CYS B 34 -2.51 7.49 3.96
N MET B 35 -3.53 6.78 3.48
CA MET B 35 -3.41 5.35 3.08
C MET B 35 -2.48 5.25 1.86
N GLN B 36 -2.59 6.18 0.90
CA GLN B 36 -1.71 6.26 -0.29
C GLN B 36 -0.25 6.37 0.16
N GLU B 37 0.02 7.21 1.16
CA GLU B 37 1.39 7.45 1.68
C GLU B 37 1.90 6.19 2.40
N CYS B 38 1.04 5.54 3.21
CA CYS B 38 1.38 4.33 3.99
C CYS B 38 1.74 3.17 3.05
N VAL B 39 0.91 2.90 2.06
CA VAL B 39 1.08 1.71 1.18
C VAL B 39 2.30 1.96 0.27
N SER B 40 2.55 3.20 -0.13
CA SER B 40 3.74 3.57 -0.95
C SER B 40 5.02 3.37 -0.13
N GLU B 41 5.03 3.74 1.15
CA GLU B 41 6.19 3.51 2.05
C GLU B 41 6.40 2.01 2.24
N PHE B 42 5.32 1.23 2.33
CA PHE B 42 5.33 -0.26 2.48
C PHE B 42 6.20 -0.87 1.36
N ILE B 43 5.93 -0.49 0.12
CA ILE B 43 6.73 -0.91 -1.08
C ILE B 43 8.19 -0.49 -0.91
N SER B 44 8.46 0.79 -0.64
CA SER B 44 9.83 1.36 -0.59
C SER B 44 10.61 0.72 0.57
N PHE B 45 9.95 0.56 1.71
CA PHE B 45 10.54 0.00 2.96
C PHE B 45 11.02 -1.43 2.68
N ILE B 46 10.17 -2.25 2.07
CA ILE B 46 10.48 -3.67 1.77
C ILE B 46 11.49 -3.73 0.62
N THR B 47 11.33 -2.92 -0.42
CA THR B 47 12.24 -2.90 -1.60
C THR B 47 13.66 -2.53 -1.15
N SER B 48 13.82 -1.60 -0.21
CA SER B 48 15.14 -1.11 0.26
C SER B 48 15.89 -2.26 0.93
N GLU B 49 15.20 -3.04 1.77
CA GLU B 49 15.76 -4.23 2.47
C GLU B 49 16.20 -5.27 1.43
N ALA B 50 15.33 -5.59 0.47
CA ALA B 50 15.62 -6.55 -0.63
C ALA B 50 16.81 -6.05 -1.46
N SER B 51 16.79 -4.76 -1.81
CA SER B 51 17.83 -4.08 -2.63
C SER B 51 19.21 -4.23 -1.98
N GLU B 52 19.31 -3.97 -0.67
CA GLU B 52 20.62 -3.96 0.03
C GLU B 52 21.20 -5.38 0.05
N LYS B 53 20.35 -6.40 0.12
CA LYS B 53 20.78 -7.83 0.11
C LYS B 53 21.22 -8.22 -1.31
N CYS B 54 20.51 -7.75 -2.34
CA CYS B 54 20.87 -7.97 -3.76
C CYS B 54 22.26 -7.38 -4.04
N GLN B 55 22.51 -6.17 -3.56
CA GLN B 55 23.81 -5.46 -3.73
C GLN B 55 24.92 -6.24 -3.03
N GLN B 56 24.67 -6.71 -1.80
CA GLN B 56 25.65 -7.48 -0.98
C GLN B 56 26.07 -8.76 -1.70
N GLU B 57 25.14 -9.41 -2.42
CA GLU B 57 25.40 -10.68 -3.16
C GLU B 57 25.77 -10.37 -4.62
N LYS B 58 25.93 -9.09 -4.97
CA LYS B 58 26.34 -8.62 -6.32
C LYS B 58 25.38 -9.18 -7.38
N ARG B 59 24.07 -9.18 -7.07
CA ARG B 59 22.99 -9.49 -8.03
C ARG B 59 22.34 -8.17 -8.44
N LYS B 60 22.05 -8.00 -9.72
CA LYS B 60 21.55 -6.74 -10.31
C LYS B 60 20.03 -6.69 -10.25
N THR B 61 19.37 -7.84 -10.12
CA THR B 61 17.89 -7.97 -10.21
C THR B 61 17.30 -8.25 -8.82
N VAL B 62 16.37 -7.39 -8.40
CA VAL B 62 15.44 -7.68 -7.27
C VAL B 62 14.35 -8.59 -7.82
N ASN B 63 14.29 -9.84 -7.35
CA ASN B 63 13.31 -10.86 -7.82
C ASN B 63 12.26 -11.10 -6.73
N GLY B 64 11.25 -11.91 -7.05
CA GLY B 64 10.10 -12.20 -6.17
C GLY B 64 10.54 -12.78 -4.84
N GLU B 65 11.50 -13.70 -4.86
CA GLU B 65 12.03 -14.39 -3.64
C GLU B 65 12.69 -13.35 -2.71
N ASP B 66 13.35 -12.32 -3.28
CA ASP B 66 14.01 -11.24 -2.52
C ASP B 66 12.96 -10.44 -1.74
N ILE B 67 11.83 -10.12 -2.37
CA ILE B 67 10.69 -9.40 -1.73
C ILE B 67 10.17 -10.24 -0.56
N LEU B 68 9.92 -11.53 -0.76
CA LEU B 68 9.40 -12.45 0.29
C LEU B 68 10.39 -12.50 1.46
N PHE B 69 11.68 -12.68 1.17
CA PHE B 69 12.76 -12.76 2.18
C PHE B 69 12.81 -11.46 3.00
N ALA B 70 12.72 -10.31 2.31
CA ALA B 70 12.71 -8.97 2.95
C ALA B 70 11.48 -8.85 3.86
N MET B 71 10.32 -9.31 3.42
CA MET B 71 9.06 -9.30 4.20
C MET B 71 9.21 -10.09 5.51
N THR B 72 9.88 -11.24 5.48
CA THR B 72 10.17 -12.05 6.70
C THR B 72 11.14 -11.28 7.61
N SER B 73 12.26 -10.80 7.07
CA SER B 73 13.30 -10.06 7.83
C SER B 73 12.67 -8.90 8.61
N LEU B 74 11.76 -8.17 7.98
CA LEU B 74 11.16 -6.92 8.54
C LEU B 74 9.91 -7.22 9.37
N GLY B 75 9.58 -8.49 9.59
CA GLY B 75 8.45 -8.90 10.45
C GLY B 75 7.11 -8.68 9.79
N PHE B 76 7.00 -8.94 8.48
CA PHE B 76 5.73 -9.05 7.72
C PHE B 76 5.49 -10.53 7.34
N GLU B 77 5.68 -11.46 8.28
CA GLU B 77 5.76 -12.90 7.94
C GLU B 77 4.41 -13.43 7.43
N ASN B 78 3.27 -12.87 7.85
CA ASN B 78 1.94 -13.26 7.29
C ASN B 78 1.95 -12.99 5.78
N TYR B 79 2.45 -11.82 5.38
CA TYR B 79 2.55 -11.36 3.97
C TYR B 79 3.51 -12.26 3.20
N ALA B 80 4.69 -12.52 3.76
CA ALA B 80 5.74 -13.34 3.11
C ALA B 80 5.17 -14.74 2.81
N GLU B 81 4.51 -15.37 3.77
CA GLU B 81 4.04 -16.78 3.66
C GLU B 81 2.77 -16.85 2.80
N ALA B 82 1.88 -15.87 2.90
CA ALA B 82 0.66 -15.78 2.05
C ALA B 82 1.07 -15.60 0.58
N LEU B 83 2.01 -14.69 0.30
CA LEU B 83 2.44 -14.38 -1.08
C LEU B 83 3.31 -15.51 -1.65
N LYS B 84 3.93 -16.31 -0.77
CA LYS B 84 4.70 -17.52 -1.19
C LYS B 84 3.73 -18.51 -1.86
N ILE B 85 2.56 -18.71 -1.25
CA ILE B 85 1.48 -19.59 -1.78
C ILE B 85 0.99 -18.99 -3.11
N TYR B 86 0.76 -17.67 -3.13
CA TYR B 86 0.32 -16.91 -4.32
C TYR B 86 1.36 -17.08 -5.45
N LEU B 87 2.65 -16.99 -5.11
CA LEU B 87 3.76 -17.10 -6.10
C LEU B 87 3.76 -18.51 -6.71
N SER B 88 3.78 -19.55 -5.87
CA SER B 88 3.85 -20.97 -6.33
C SER B 88 2.69 -21.26 -7.31
N LYS B 89 1.51 -20.70 -7.02
CA LYS B 89 0.30 -20.82 -7.88
C LYS B 89 0.50 -20.07 -9.20
N TYR B 90 1.17 -18.91 -9.16
CA TYR B 90 1.47 -18.09 -10.38
C TYR B 90 2.46 -18.86 -11.28
N ARG B 91 3.29 -19.72 -10.69
CA ARG B 91 4.33 -20.52 -11.41
C ARG B 91 3.82 -21.94 -11.69
N GLU B 92 2.56 -22.21 -11.36
CA GLU B 92 1.90 -23.54 -11.48
C GLU B 92 0.89 -23.45 -12.63
N GLY C 13 -19.99 -10.54 11.40
CA GLY C 13 -20.64 -9.21 11.22
C GLY C 13 -19.89 -8.08 11.93
N THR C 14 -19.52 -8.30 13.20
CA THR C 14 -18.73 -7.35 14.05
C THR C 14 -17.38 -7.11 13.37
N ALA C 15 -16.92 -5.85 13.38
CA ALA C 15 -15.67 -5.39 12.71
C ALA C 15 -14.48 -6.19 13.25
N ARG C 16 -14.44 -6.45 14.57
CA ARG C 16 -13.33 -7.17 15.24
C ARG C 16 -13.29 -8.62 14.77
N ASP C 17 -14.44 -9.31 14.77
CA ASP C 17 -14.56 -10.75 14.42
C ASP C 17 -14.08 -10.97 12.97
N ILE C 18 -14.39 -10.04 12.07
CA ILE C 18 -13.96 -10.08 10.63
C ILE C 18 -12.43 -10.00 10.60
N LEU C 19 -11.83 -9.12 11.41
CA LEU C 19 -10.37 -8.93 11.45
C LEU C 19 -9.71 -10.19 12.05
N THR C 20 -10.28 -10.78 13.10
CA THR C 20 -9.66 -11.92 13.84
C THR C 20 -9.51 -13.14 12.92
N THR C 21 -10.35 -13.29 11.89
CA THR C 21 -10.30 -14.41 10.92
C THR C 21 -9.77 -13.92 9.57
N TYR C 22 -9.28 -12.69 9.50
CA TYR C 22 -8.87 -12.02 8.23
C TYR C 22 -7.94 -12.95 7.44
N TRP C 23 -6.91 -13.51 8.10
CA TRP C 23 -5.84 -14.28 7.40
C TRP C 23 -6.37 -15.66 7.00
N GLN C 24 -7.24 -16.28 7.80
CA GLN C 24 -7.93 -17.53 7.41
C GLN C 24 -8.62 -17.29 6.05
N HIS C 25 -9.36 -16.19 5.93
CA HIS C 25 -10.13 -15.87 4.70
C HIS C 25 -9.18 -15.58 3.54
N ILE C 26 -8.04 -14.91 3.80
CA ILE C 26 -6.99 -14.64 2.77
C ILE C 26 -6.47 -15.98 2.24
N ILE C 27 -6.09 -16.89 3.14
CA ILE C 27 -5.52 -18.22 2.77
C ILE C 27 -6.57 -19.05 2.03
N ASN C 28 -7.84 -18.98 2.44
CA ASN C 28 -8.93 -19.74 1.76
C ASN C 28 -9.01 -19.28 0.30
N HIS C 29 -9.09 -17.96 0.08
CA HIS C 29 -9.22 -17.35 -1.27
C HIS C 29 -7.94 -17.57 -2.08
N LEU C 30 -6.77 -17.56 -1.45
CA LEU C 30 -5.50 -17.88 -2.16
C LEU C 30 -5.53 -19.34 -2.61
N GLU C 31 -5.87 -20.27 -1.71
CA GLU C 31 -5.78 -21.73 -1.96
C GLU C 31 -6.89 -22.20 -2.92
N SER C 32 -8.04 -21.52 -2.95
CA SER C 32 -9.22 -21.91 -3.77
C SER C 32 -9.84 -20.69 -4.47
N ASP C 33 -9.09 -20.04 -5.38
CA ASP C 33 -9.59 -18.94 -6.25
C ASP C 33 -9.05 -19.13 -7.67
N ASN C 34 -9.75 -18.57 -8.65
CA ASN C 34 -9.30 -18.48 -10.06
C ASN C 34 -8.48 -17.21 -10.23
N HIS C 35 -7.24 -17.21 -9.72
CA HIS C 35 -6.31 -16.06 -9.81
C HIS C 35 -6.16 -15.68 -11.28
N ASP C 36 -6.52 -14.44 -11.61
CA ASP C 36 -6.34 -13.85 -12.95
C ASP C 36 -5.29 -12.75 -12.79
N TYR C 37 -4.01 -13.14 -12.87
CA TYR C 37 -2.83 -12.23 -12.83
C TYR C 37 -2.95 -11.23 -13.99
N LYS C 38 -3.81 -11.57 -14.96
CA LYS C 38 -4.34 -10.66 -16.01
C LYS C 38 -4.76 -9.33 -15.37
N ILE C 39 -5.70 -9.37 -14.42
CA ILE C 39 -6.29 -8.16 -13.76
C ILE C 39 -5.67 -7.95 -12.38
N HIS C 40 -5.34 -6.70 -12.07
N HIS C 40 -5.37 -6.70 -12.04
CA HIS C 40 -4.82 -6.23 -10.74
CA HIS C 40 -4.85 -6.26 -10.72
C HIS C 40 -5.54 -4.93 -10.36
C HIS C 40 -5.48 -4.92 -10.35
N GLN C 41 -5.81 -4.74 -9.06
CA GLN C 41 -6.43 -3.50 -8.53
C GLN C 41 -5.42 -2.35 -8.65
N LEU C 42 -4.12 -2.67 -8.54
CA LEU C 42 -3.02 -1.69 -8.59
C LEU C 42 -2.20 -1.90 -9.87
N PRO C 43 -1.95 -0.85 -10.66
CA PRO C 43 -1.17 -0.98 -11.89
C PRO C 43 0.29 -1.37 -11.59
N LEU C 44 0.80 -2.37 -12.32
CA LEU C 44 2.15 -2.95 -12.10
C LEU C 44 3.22 -1.89 -12.38
N ALA C 45 3.09 -1.14 -13.48
CA ALA C 45 4.06 -0.12 -13.93
C ALA C 45 4.28 0.92 -12.80
N ARG C 46 3.21 1.31 -12.10
CA ARG C 46 3.29 2.31 -11.00
C ARG C 46 4.02 1.69 -9.80
N ILE C 47 3.68 0.44 -9.45
CA ILE C 47 4.38 -0.29 -8.36
C ILE C 47 5.89 -0.28 -8.67
N LYS C 48 6.24 -0.62 -9.90
CA LYS C 48 7.64 -0.68 -10.39
C LYS C 48 8.32 0.70 -10.27
N LYS C 49 7.61 1.77 -10.60
CA LYS C 49 8.14 3.16 -10.51
C LYS C 49 8.41 3.53 -9.05
N VAL C 50 7.56 3.11 -8.11
CA VAL C 50 7.79 3.35 -6.66
C VAL C 50 9.11 2.65 -6.28
N MET C 51 9.28 1.41 -6.73
CA MET C 51 10.51 0.61 -6.45
C MET C 51 11.73 1.36 -7.02
N LYS C 52 11.60 1.91 -8.24
CA LYS C 52 12.73 2.50 -9.00
C LYS C 52 13.05 3.92 -8.51
N ALA C 53 12.21 4.51 -7.67
CA ALA C 53 12.47 5.81 -7.01
C ALA C 53 13.70 5.68 -6.10
N ASP C 54 14.00 4.46 -5.64
CA ASP C 54 15.21 4.15 -4.83
C ASP C 54 16.40 4.02 -5.78
N PRO C 55 17.43 4.90 -5.69
CA PRO C 55 18.56 4.87 -6.62
C PRO C 55 19.39 3.58 -6.51
N GLU C 56 19.32 2.90 -5.36
CA GLU C 56 20.05 1.64 -5.07
C GLU C 56 19.51 0.50 -5.96
N VAL C 57 18.25 0.58 -6.38
CA VAL C 57 17.57 -0.49 -7.18
C VAL C 57 17.99 -0.36 -8.65
N LYS C 58 18.49 -1.44 -9.24
CA LYS C 58 18.91 -1.50 -10.66
C LYS C 58 17.78 -2.11 -11.49
N MET C 59 17.68 -3.44 -11.54
CA MET C 59 16.68 -4.17 -12.35
C MET C 59 15.69 -4.87 -11.43
N ILE C 60 14.47 -5.07 -11.91
CA ILE C 60 13.35 -5.71 -11.15
C ILE C 60 12.77 -6.82 -12.04
N SER C 61 12.66 -8.04 -11.50
CA SER C 61 12.02 -9.20 -12.18
C SER C 61 10.52 -8.93 -12.31
N ALA C 62 9.88 -9.51 -13.32
CA ALA C 62 8.44 -9.31 -13.62
C ALA C 62 7.58 -9.77 -12.44
N GLU C 63 8.06 -10.73 -11.63
CA GLU C 63 7.29 -11.31 -10.49
C GLU C 63 7.19 -10.33 -9.32
N ALA C 64 8.19 -9.48 -9.10
CA ALA C 64 8.27 -8.62 -7.88
C ALA C 64 7.10 -7.64 -7.86
N PRO C 65 6.82 -6.88 -8.94
CA PRO C 65 5.62 -6.02 -8.98
C PRO C 65 4.32 -6.81 -8.78
N ILE C 66 4.22 -8.01 -9.32
CA ILE C 66 3.01 -8.89 -9.20
C ILE C 66 2.78 -9.23 -7.72
N LEU C 67 3.84 -9.62 -7.00
CA LEU C 67 3.76 -9.93 -5.54
C LEU C 67 3.34 -8.69 -4.77
N PHE C 68 3.87 -7.50 -5.12
CA PHE C 68 3.57 -6.23 -4.43
C PHE C 68 2.11 -5.83 -4.66
N ALA C 69 1.58 -6.05 -5.88
CA ALA C 69 0.17 -5.73 -6.21
C ALA C 69 -0.75 -6.49 -5.24
N LYS C 70 -0.53 -7.80 -5.08
CA LYS C 70 -1.32 -8.66 -4.17
C LYS C 70 -1.02 -8.28 -2.71
N GLY C 71 0.25 -8.09 -2.37
CA GLY C 71 0.69 -7.71 -1.02
C GLY C 71 0.08 -6.38 -0.56
N CYS C 72 0.05 -5.40 -1.47
CA CYS C 72 -0.47 -4.03 -1.18
C CYS C 72 -2.00 -4.07 -1.06
N ASP C 73 -2.65 -4.88 -1.89
CA ASP C 73 -4.12 -5.17 -1.77
C ASP C 73 -4.39 -5.65 -0.34
N ILE C 74 -3.65 -6.66 0.13
CA ILE C 74 -3.87 -7.26 1.48
C ILE C 74 -3.57 -6.19 2.53
N PHE C 75 -2.51 -5.40 2.34
CA PHE C 75 -2.03 -4.40 3.32
C PHE C 75 -3.08 -3.30 3.48
N ILE C 76 -3.54 -2.72 2.37
CA ILE C 76 -4.54 -1.63 2.42
C ILE C 76 -5.79 -2.16 3.14
N THR C 77 -6.20 -3.39 2.84
CA THR C 77 -7.42 -4.03 3.39
C THR C 77 -7.26 -4.20 4.91
N GLU C 78 -6.14 -4.76 5.37
CA GLU C 78 -5.90 -5.02 6.81
C GLU C 78 -5.92 -3.69 7.57
N LEU C 79 -5.23 -2.68 7.05
CA LEU C 79 -5.10 -1.37 7.74
C LEU C 79 -6.45 -0.66 7.78
N THR C 80 -7.21 -0.71 6.68
CA THR C 80 -8.55 -0.07 6.57
C THR C 80 -9.49 -0.71 7.60
N MET C 81 -9.46 -2.05 7.71
CA MET C 81 -10.30 -2.82 8.66
C MET C 81 -9.91 -2.47 10.10
N ARG C 82 -8.61 -2.40 10.40
CA ARG C 82 -8.13 -2.04 11.77
C ARG C 82 -8.60 -0.63 12.09
N ALA C 83 -8.50 0.29 11.13
CA ALA C 83 -8.89 1.71 11.28
C ALA C 83 -10.40 1.81 11.46
N TRP C 84 -11.17 1.00 10.74
CA TRP C 84 -12.66 1.01 10.80
C TRP C 84 -13.14 0.69 12.21
N ILE C 85 -12.44 -0.20 12.94
CA ILE C 85 -12.80 -0.58 14.33
C ILE C 85 -12.81 0.68 15.21
N HIS C 86 -11.81 1.55 15.04
N HIS C 86 -11.80 1.55 15.04
CA HIS C 86 -11.68 2.83 15.81
CA HIS C 86 -11.65 2.83 15.79
C HIS C 86 -12.83 3.77 15.44
C HIS C 86 -12.81 3.77 15.43
N ALA C 87 -13.19 3.86 14.16
CA ALA C 87 -14.33 4.67 13.66
C ALA C 87 -15.63 4.16 14.29
N GLU C 88 -15.79 2.84 14.41
CA GLU C 88 -16.99 2.17 14.97
C GLU C 88 -17.09 2.45 16.48
N ASP C 89 -15.95 2.40 17.19
CA ASP C 89 -15.87 2.66 18.66
C ASP C 89 -16.32 4.09 18.97
N ASN C 90 -16.08 5.04 18.06
CA ASN C 90 -16.44 6.47 18.22
C ASN C 90 -17.76 6.76 17.50
N LYS C 91 -18.54 5.71 17.18
CA LYS C 91 -19.91 5.78 16.59
C LYS C 91 -19.93 6.69 15.35
N ARG C 92 -18.86 6.67 14.55
CA ARG C 92 -18.75 7.40 13.26
C ARG C 92 -18.84 6.40 12.11
N ARG C 93 -19.42 6.82 10.98
CA ARG C 93 -19.55 6.01 9.75
C ARG C 93 -18.63 6.56 8.65
N THR C 94 -17.89 7.64 8.92
CA THR C 94 -16.81 8.15 8.03
C THR C 94 -15.45 7.77 8.62
N LEU C 95 -14.59 7.14 7.83
CA LEU C 95 -13.20 6.80 8.24
C LEU C 95 -12.33 8.06 8.15
N GLN C 96 -11.68 8.40 9.26
CA GLN C 96 -10.82 9.59 9.39
C GLN C 96 -9.35 9.17 9.45
N ARG C 97 -8.44 10.10 9.13
CA ARG C 97 -6.98 9.92 9.26
C ARG C 97 -6.64 9.46 10.69
N SER C 98 -7.30 10.05 11.70
CA SER C 98 -7.06 9.75 13.14
C SER C 98 -7.35 8.27 13.45
N ASP C 99 -8.27 7.65 12.69
CA ASP C 99 -8.60 6.20 12.83
C ASP C 99 -7.41 5.37 12.34
N ILE C 100 -6.75 5.79 11.26
CA ILE C 100 -5.56 5.09 10.71
C ILE C 100 -4.40 5.27 11.69
N ALA C 101 -4.20 6.48 12.21
CA ALA C 101 -3.14 6.79 13.21
C ALA C 101 -3.36 5.92 14.45
N ALA C 102 -4.60 5.79 14.92
CA ALA C 102 -4.98 4.97 16.09
C ALA C 102 -4.64 3.51 15.81
N ALA C 103 -4.97 3.00 14.62
CA ALA C 103 -4.72 1.60 14.22
C ALA C 103 -3.23 1.31 14.19
N LEU C 104 -2.41 2.22 13.65
CA LEU C 104 -0.93 2.07 13.53
C LEU C 104 -0.31 1.89 14.92
N SER C 105 -0.85 2.54 15.95
CA SER C 105 -0.31 2.51 17.34
C SER C 105 -0.58 1.16 18.03
N LYS C 106 -1.47 0.32 17.50
CA LYS C 106 -1.92 -0.93 18.16
C LYS C 106 -0.98 -2.10 17.82
N SER C 107 -0.19 -2.00 16.76
CA SER C 107 0.74 -3.07 16.33
C SER C 107 2.11 -2.49 15.97
N ASP C 108 3.18 -3.10 16.47
CA ASP C 108 4.57 -2.72 16.18
C ASP C 108 4.95 -3.14 14.75
N MET C 109 4.10 -3.90 14.06
CA MET C 109 4.28 -4.22 12.62
C MET C 109 4.27 -2.91 11.81
N PHE C 110 3.62 -1.86 12.34
CA PHE C 110 3.42 -0.56 11.64
C PHE C 110 4.48 0.47 12.06
N ASP C 111 5.47 0.08 12.88
CA ASP C 111 6.52 1.02 13.36
C ASP C 111 7.22 1.68 12.17
N PHE C 112 7.32 1.02 11.02
CA PHE C 112 8.00 1.54 9.82
C PHE C 112 7.30 2.81 9.29
N LEU C 113 6.10 3.14 9.79
CA LEU C 113 5.31 4.31 9.32
C LEU C 113 5.37 5.47 10.32
N ILE C 114 6.29 5.42 11.29
CA ILE C 114 6.39 6.43 12.37
C ILE C 114 6.61 7.84 11.77
N ASP C 115 7.43 7.97 10.72
CA ASP C 115 7.72 9.27 10.08
C ASP C 115 6.62 9.64 9.08
N ILE C 116 5.92 8.66 8.51
CA ILE C 116 4.83 8.90 7.51
C ILE C 116 3.60 9.41 8.24
N VAL C 117 3.32 8.89 9.43
CA VAL C 117 2.14 9.27 10.25
C VAL C 117 2.62 9.60 11.65
N PRO C 118 3.14 10.83 11.87
CA PRO C 118 3.76 11.21 13.14
C PRO C 118 2.82 11.24 14.37
N ARG C 119 3.45 11.21 15.56
CA ARG C 119 2.83 11.22 16.91
C ARG C 119 2.13 9.87 17.12
S SO3 F . 13.22 4.75 15.43
O1 SO3 F . 13.42 4.61 16.92
O2 SO3 F . 11.76 5.12 15.27
O3 SO3 F . 13.97 6.00 15.06
#